data_5EYI
#
_entry.id   5EYI
#
_cell.length_a   75.299
_cell.length_b   75.299
_cell.length_c   199.489
_cell.angle_alpha   90.00
_cell.angle_beta   90.00
_cell.angle_gamma   90.00
#
_symmetry.space_group_name_H-M   'P 41 21 2'
#
loop_
_entity.id
_entity.type
_entity.pdbx_description
1 polymer 'Non-structural protein 11'
2 non-polymer 'SULFATE ION'
3 non-polymer 'CHLORIDE ION'
4 non-polymer 2-(2-METHOXYETHOXY)ETHANOL
5 water water
#
_entity_poly.entity_id   1
_entity_poly.type   'polypeptide(L)'
_entity_poly.pdbx_seq_one_letter_code
;GSGSSSPLPKVAHNLGFYFSPDLTQFAKLPVELAPHWPVVTTQNNEKWPDRLVASLRPIHKYSRACIGAGYMVGPSVFLG
TPGVVSYYLTKFVKGEAQLLPETVFSTGRIEVDCREYLDDREREVAASLPHAFIGDVKGTTVGGCHHVTSRYLPRVLPKE
SVAVVGVSSPGKAAAALCTLTDVYLPDLEAYLHPETQSKCWKMMLDFKEVRLMVWRDKTAYFQLE
;
_entity_poly.pdbx_strand_id   A,B
#
# COMPACT_ATOMS: atom_id res chain seq x y z
N SER A 2 22.17 -32.66 -17.38
CA SER A 2 21.16 -31.62 -17.00
C SER A 2 19.76 -32.10 -17.38
N GLY A 3 18.87 -31.18 -17.75
CA GLY A 3 17.59 -31.53 -18.35
C GLY A 3 16.56 -30.43 -18.23
N SER A 4 15.29 -30.81 -18.07
CA SER A 4 14.21 -29.83 -18.05
C SER A 4 14.16 -29.17 -16.68
N SER A 5 14.17 -27.86 -16.72
CA SER A 5 13.96 -27.05 -15.56
C SER A 5 12.49 -27.17 -15.16
N SER A 6 12.25 -26.97 -13.87
CA SER A 6 10.91 -27.12 -13.31
C SER A 6 10.72 -26.07 -12.23
N PRO A 7 9.45 -25.75 -11.89
CA PRO A 7 9.22 -24.71 -10.90
C PRO A 7 9.63 -25.09 -9.52
N LEU A 8 9.93 -24.06 -8.73
CA LEU A 8 10.03 -24.20 -7.28
C LEU A 8 8.66 -24.67 -6.78
N PRO A 9 8.62 -25.50 -5.71
CA PRO A 9 7.31 -26.08 -5.32
C PRO A 9 6.16 -25.07 -5.16
N LYS A 10 6.45 -23.94 -4.51
CA LYS A 10 5.46 -22.91 -4.26
C LYS A 10 4.72 -22.36 -5.48
N VAL A 11 5.41 -22.27 -6.63
CA VAL A 11 4.80 -21.78 -7.87
C VAL A 11 3.65 -22.71 -8.28
N ALA A 12 3.95 -24.01 -8.34
CA ALA A 12 2.93 -25.02 -8.68
C ALA A 12 1.82 -25.05 -7.63
N HIS A 13 2.19 -25.01 -6.34
CA HIS A 13 1.19 -25.04 -5.26
C HIS A 13 0.20 -23.88 -5.41
N ASN A 14 0.71 -22.69 -5.70
CA ASN A 14 -0.15 -21.51 -5.90
C ASN A 14 -1.14 -21.66 -7.06
N LEU A 15 -0.83 -22.52 -8.03
CA LEU A 15 -1.76 -22.87 -9.12
C LEU A 15 -2.63 -24.12 -8.83
N GLY A 16 -2.49 -24.70 -7.65
CA GLY A 16 -3.29 -25.86 -7.24
C GLY A 16 -2.71 -27.22 -7.61
N PHE A 17 -1.40 -27.30 -7.87
CA PHE A 17 -0.76 -28.55 -8.24
C PHE A 17 0.26 -28.93 -7.18
N TYR A 18 0.07 -30.13 -6.62
CA TYR A 18 0.96 -30.68 -5.59
C TYR A 18 1.55 -32.04 -5.97
N PHE A 19 0.76 -32.89 -6.62
CA PHE A 19 1.24 -34.20 -7.04
C PHE A 19 2.02 -34.14 -8.34
N SER A 20 3.03 -35.01 -8.45
CA SER A 20 3.75 -35.22 -9.69
C SER A 20 4.10 -36.69 -9.85
N PRO A 21 3.88 -37.26 -11.03
CA PRO A 21 4.41 -38.59 -11.27
C PRO A 21 5.94 -38.62 -11.44
N ASP A 22 6.55 -37.52 -11.88
CA ASP A 22 7.96 -37.52 -12.32
C ASP A 22 8.92 -36.58 -11.58
N LEU A 23 8.44 -35.48 -11.02
CA LEU A 23 9.28 -34.45 -10.41
C LEU A 23 9.48 -34.68 -8.91
N THR A 24 10.73 -34.78 -8.49
CA THR A 24 11.04 -35.20 -7.12
C THR A 24 10.68 -34.16 -6.06
N GLN A 25 10.64 -32.88 -6.44
CA GLN A 25 10.33 -31.82 -5.47
C GLN A 25 8.85 -31.75 -5.10
N PHE A 26 8.02 -32.50 -5.81
CA PHE A 26 6.60 -32.59 -5.48
C PHE A 26 6.25 -33.94 -4.88
N ALA A 27 5.05 -34.04 -4.31
CA ALA A 27 4.57 -35.28 -3.71
C ALA A 27 4.41 -36.34 -4.80
N LYS A 28 5.08 -37.48 -4.63
CA LYS A 28 5.03 -38.52 -5.66
C LYS A 28 3.62 -39.12 -5.75
N LEU A 29 3.13 -39.28 -6.98
CA LEU A 29 1.85 -39.91 -7.25
C LEU A 29 2.09 -41.09 -8.19
N PRO A 30 1.46 -42.26 -7.93
CA PRO A 30 1.49 -43.34 -8.92
C PRO A 30 0.96 -42.87 -10.27
N VAL A 31 1.69 -43.22 -11.33
CA VAL A 31 1.35 -42.80 -12.70
C VAL A 31 -0.07 -43.23 -13.12
N GLU A 32 -0.53 -44.34 -12.57
CA GLU A 32 -1.89 -44.84 -12.80
C GLU A 32 -2.99 -43.92 -12.21
N LEU A 33 -2.65 -43.11 -11.21
CA LEU A 33 -3.57 -42.10 -10.65
C LEU A 33 -3.48 -40.71 -11.28
N ALA A 34 -2.48 -40.47 -12.11
CA ALA A 34 -2.29 -39.16 -12.74
C ALA A 34 -3.44 -38.69 -13.63
N PRO A 35 -4.23 -39.62 -14.23
CA PRO A 35 -5.44 -39.18 -14.92
C PRO A 35 -6.54 -38.60 -14.02
N HIS A 36 -6.44 -38.80 -12.70
CA HIS A 36 -7.48 -38.41 -11.76
C HIS A 36 -7.09 -37.31 -10.76
N TRP A 37 -5.89 -36.75 -10.92
CA TRP A 37 -5.39 -35.69 -10.04
C TRP A 37 -4.78 -34.56 -10.87
N PRO A 38 -4.87 -33.31 -10.39
CA PRO A 38 -4.02 -32.30 -11.03
C PRO A 38 -2.55 -32.66 -10.82
N VAL A 39 -1.77 -32.70 -11.90
CA VAL A 39 -0.37 -33.08 -11.78
C VAL A 39 0.56 -32.03 -12.41
N VAL A 40 1.64 -31.72 -11.70
CA VAL A 40 2.71 -30.89 -12.22
C VAL A 40 3.76 -31.86 -12.73
N THR A 41 4.27 -31.60 -13.93
CA THR A 41 5.04 -32.58 -14.67
C THR A 41 5.84 -31.91 -15.78
N THR A 42 6.85 -32.63 -16.30
CA THR A 42 7.52 -32.22 -17.53
C THR A 42 7.07 -33.04 -18.74
N GLN A 43 6.11 -33.96 -18.53
CA GLN A 43 5.57 -34.77 -19.61
C GLN A 43 4.20 -34.25 -20.02
N ASN A 44 4.07 -33.80 -21.26
CA ASN A 44 2.79 -33.33 -21.77
C ASN A 44 1.89 -34.51 -22.18
N ASN A 45 1.41 -35.23 -21.18
CA ASN A 45 0.66 -36.45 -21.40
C ASN A 45 -0.84 -36.15 -21.44
N GLU A 46 -1.42 -36.30 -22.62
CA GLU A 46 -2.86 -36.06 -22.82
C GLU A 46 -3.78 -36.99 -22.02
N LYS A 47 -3.25 -38.09 -21.50
CA LYS A 47 -4.00 -38.92 -20.56
C LYS A 47 -4.22 -38.24 -19.19
N TRP A 48 -3.50 -37.15 -18.90
CA TRP A 48 -3.66 -36.39 -17.65
C TRP A 48 -4.32 -35.05 -17.95
N PRO A 49 -5.67 -35.00 -17.93
CA PRO A 49 -6.37 -33.80 -18.42
C PRO A 49 -6.18 -32.54 -17.60
N ASP A 50 -5.91 -32.68 -16.30
CA ASP A 50 -5.58 -31.53 -15.47
C ASP A 50 -4.10 -31.64 -15.15
N ARG A 51 -3.30 -30.83 -15.83
CA ARG A 51 -1.86 -30.91 -15.70
C ARG A 51 -1.19 -29.59 -15.90
N LEU A 52 -0.09 -29.38 -15.19
CA LEU A 52 0.71 -28.17 -15.30
C LEU A 52 2.02 -28.65 -15.86
N VAL A 53 2.26 -28.37 -17.14
CA VAL A 53 3.46 -28.89 -17.80
C VAL A 53 4.55 -27.84 -17.73
N ALA A 54 5.71 -28.23 -17.17
CA ALA A 54 6.91 -27.41 -17.16
C ALA A 54 7.83 -27.86 -18.30
N SER A 55 8.22 -26.94 -19.16
CA SER A 55 8.99 -27.29 -20.34
C SER A 55 10.06 -26.25 -20.61
N LEU A 56 11.13 -26.70 -21.24
CA LEU A 56 12.24 -25.82 -21.57
C LEU A 56 11.90 -24.90 -22.74
N ARG A 57 10.99 -25.35 -23.59
CA ARG A 57 10.54 -24.61 -24.77
C ARG A 57 9.02 -24.53 -24.76
N PRO A 58 8.45 -23.54 -25.44
CA PRO A 58 6.98 -23.43 -25.44
C PRO A 58 6.34 -24.63 -26.13
N ILE A 59 5.21 -25.09 -25.60
CA ILE A 59 4.47 -26.23 -26.17
C ILE A 59 3.08 -25.87 -26.69
N HIS A 60 2.64 -24.64 -26.47
CA HIS A 60 1.30 -24.19 -26.83
C HIS A 60 1.32 -22.67 -26.88
N LYS A 61 0.33 -22.06 -27.52
CA LYS A 61 0.18 -20.59 -27.54
C LYS A 61 0.02 -19.96 -26.15
N TYR A 62 -0.43 -20.75 -25.18
CA TYR A 62 -0.72 -20.31 -23.84
C TYR A 62 0.41 -20.74 -22.88
N SER A 63 1.49 -21.31 -23.41
CA SER A 63 2.71 -21.50 -22.63
C SER A 63 3.18 -20.13 -22.15
N ARG A 64 3.38 -20.02 -20.85
CA ARG A 64 3.80 -18.80 -20.20
C ARG A 64 5.29 -18.93 -19.90
N ALA A 65 6.08 -18.00 -20.44
CA ALA A 65 7.51 -17.92 -20.14
C ALA A 65 7.71 -17.42 -18.71
N CYS A 66 8.40 -18.21 -17.89
CA CYS A 66 8.66 -17.83 -16.50
C CYS A 66 10.06 -17.25 -16.39
N ILE A 67 10.13 -15.93 -16.50
CA ILE A 67 11.38 -15.19 -16.68
C ILE A 67 12.01 -14.82 -15.33
N GLY A 68 13.28 -15.18 -15.16
CA GLY A 68 14.01 -14.87 -13.94
C GLY A 68 13.61 -15.65 -12.68
N ALA A 69 12.88 -16.74 -12.85
CA ALA A 69 12.37 -17.50 -11.73
C ALA A 69 13.43 -18.49 -11.27
N GLY A 70 13.48 -18.74 -9.97
CA GLY A 70 14.24 -19.87 -9.46
C GLY A 70 13.65 -21.14 -10.05
N TYR A 71 14.47 -22.17 -10.15
CA TYR A 71 14.03 -23.41 -10.79
C TYR A 71 14.84 -24.57 -10.31
N MET A 72 14.34 -25.76 -10.62
CA MET A 72 15.00 -27.01 -10.26
C MET A 72 15.26 -27.88 -11.48
N VAL A 73 16.39 -28.57 -11.44
CA VAL A 73 16.68 -29.66 -12.35
C VAL A 73 17.04 -30.82 -11.45
N GLY A 74 16.17 -31.83 -11.39
CA GLY A 74 16.33 -32.90 -10.42
C GLY A 74 16.20 -32.30 -9.03
N PRO A 75 17.03 -32.76 -8.08
CA PRO A 75 16.93 -32.24 -6.72
C PRO A 75 17.66 -30.90 -6.50
N SER A 76 18.34 -30.37 -7.51
CA SER A 76 19.09 -29.12 -7.36
C SER A 76 18.23 -27.90 -7.70
N VAL A 77 18.39 -26.87 -6.89
CA VAL A 77 17.72 -25.59 -7.07
C VAL A 77 18.74 -24.62 -7.67
N PHE A 78 18.29 -23.87 -8.67
CA PHE A 78 19.12 -22.84 -9.30
C PHE A 78 18.44 -21.49 -9.21
N LEU A 79 19.27 -20.46 -9.07
CA LEU A 79 18.83 -19.07 -9.13
C LEU A 79 18.32 -18.71 -10.52
N GLY A 80 17.28 -17.88 -10.55
CA GLY A 80 16.85 -17.27 -11.78
C GLY A 80 17.84 -16.20 -12.20
N THR A 81 17.92 -16.00 -13.51
CA THR A 81 18.72 -14.93 -14.09
C THR A 81 17.76 -13.91 -14.67
N PRO A 82 17.83 -12.64 -14.22
CA PRO A 82 16.95 -11.60 -14.75
C PRO A 82 16.90 -11.58 -16.28
N GLY A 83 15.71 -11.52 -16.86
CA GLY A 83 15.56 -11.47 -18.30
C GLY A 83 15.78 -12.75 -19.08
N VAL A 84 16.12 -13.86 -18.40
CA VAL A 84 16.26 -15.15 -19.05
C VAL A 84 15.10 -16.04 -18.62
N VAL A 85 14.53 -16.77 -19.58
CA VAL A 85 13.43 -17.71 -19.31
C VAL A 85 13.98 -18.91 -18.56
N SER A 86 13.43 -19.18 -17.37
CA SER A 86 13.86 -20.34 -16.58
C SER A 86 13.18 -21.62 -17.07
N TYR A 87 11.88 -21.50 -17.36
CA TYR A 87 11.06 -22.61 -17.89
C TYR A 87 9.76 -22.01 -18.41
N TYR A 88 9.00 -22.78 -19.17
CA TYR A 88 7.64 -22.44 -19.60
C TYR A 88 6.66 -23.27 -18.78
N LEU A 89 5.49 -22.68 -18.50
CA LEU A 89 4.39 -23.40 -17.86
C LEU A 89 3.18 -23.41 -18.77
N THR A 90 2.57 -24.57 -18.90
CA THR A 90 1.32 -24.70 -19.63
C THR A 90 0.32 -25.44 -18.75
N LYS A 91 -0.82 -24.81 -18.51
CA LYS A 91 -1.84 -25.36 -17.62
C LYS A 91 -3.01 -25.91 -18.43
N PHE A 92 -3.28 -27.20 -18.26
CA PHE A 92 -4.43 -27.81 -18.90
C PHE A 92 -5.47 -28.11 -17.84
N VAL A 93 -6.71 -27.66 -18.06
CA VAL A 93 -7.83 -28.09 -17.24
C VAL A 93 -8.83 -28.79 -18.16
N LYS A 94 -9.21 -30.01 -17.79
CA LYS A 94 -10.07 -30.89 -18.61
C LYS A 94 -9.57 -31.05 -20.05
N GLY A 95 -8.26 -31.19 -20.21
CA GLY A 95 -7.63 -31.40 -21.51
C GLY A 95 -7.36 -30.14 -22.32
N GLU A 96 -7.92 -29.00 -21.91
CA GLU A 96 -7.80 -27.74 -22.65
C GLU A 96 -6.78 -26.81 -21.99
N ALA A 97 -5.87 -26.27 -22.81
CA ALA A 97 -4.89 -25.30 -22.36
C ALA A 97 -5.58 -24.02 -21.91
N GLN A 98 -5.15 -23.49 -20.76
CA GLN A 98 -5.72 -22.27 -20.20
C GLN A 98 -4.73 -21.13 -20.33
N LEU A 99 -5.27 -19.91 -20.45
CA LEU A 99 -4.46 -18.72 -20.35
C LEU A 99 -3.99 -18.57 -18.90
N LEU A 100 -2.68 -18.41 -18.70
CA LEU A 100 -2.15 -18.13 -17.36
C LEU A 100 -2.02 -16.62 -17.19
N PRO A 101 -2.25 -16.11 -15.97
CA PRO A 101 -2.09 -14.68 -15.72
C PRO A 101 -0.63 -14.24 -15.64
N GLU A 102 -0.43 -12.93 -15.60
CA GLU A 102 0.89 -12.33 -15.47
C GLU A 102 1.29 -12.38 -14.00
N THR A 103 2.57 -12.63 -13.75
CA THR A 103 3.09 -12.67 -12.37
C THR A 103 4.57 -12.33 -12.32
N VAL A 104 5.03 -11.84 -11.18
CA VAL A 104 6.46 -11.81 -10.89
C VAL A 104 6.83 -13.14 -10.23
N PHE A 105 8.12 -13.44 -10.23
CA PHE A 105 8.61 -14.73 -9.75
C PHE A 105 9.64 -14.59 -8.65
N SER A 106 9.58 -15.47 -7.67
CA SER A 106 10.65 -15.64 -6.71
C SER A 106 11.89 -16.18 -7.43
N THR A 107 13.05 -15.82 -6.93
CA THR A 107 14.32 -16.04 -7.65
C THR A 107 15.07 -17.30 -7.26
N GLY A 108 14.56 -18.06 -6.28
CA GLY A 108 15.25 -19.24 -5.77
C GLY A 108 16.25 -18.96 -4.67
N ARG A 109 16.45 -17.69 -4.32
CA ARG A 109 17.46 -17.33 -3.31
C ARG A 109 17.14 -17.84 -1.92
N ILE A 110 15.86 -17.78 -1.56
CA ILE A 110 15.42 -18.35 -0.28
C ILE A 110 15.75 -19.86 -0.21
N GLU A 111 15.43 -20.61 -1.26
CA GLU A 111 15.58 -22.06 -1.22
C GLU A 111 17.04 -22.49 -1.13
N VAL A 112 17.94 -21.80 -1.82
CA VAL A 112 19.38 -22.11 -1.72
C VAL A 112 20.11 -21.32 -0.63
N ASP A 113 19.41 -20.39 0.02
CA ASP A 113 19.97 -19.51 1.05
C ASP A 113 21.07 -18.59 0.53
N CYS A 114 20.92 -18.12 -0.70
CA CYS A 114 21.80 -17.10 -1.25
C CYS A 114 21.21 -15.74 -0.92
N ARG A 115 21.94 -14.93 -0.15
CA ARG A 115 21.46 -13.62 0.28
C ARG A 115 22.18 -12.46 -0.39
N GLU A 116 22.66 -12.71 -1.61
CA GLU A 116 23.37 -11.71 -2.40
C GLU A 116 22.41 -11.07 -3.39
N TYR A 117 22.73 -9.84 -3.77
CA TYR A 117 22.08 -9.17 -4.89
C TYR A 117 22.38 -9.95 -6.17
N LEU A 118 21.44 -9.98 -7.09
CA LEU A 118 21.66 -10.69 -8.35
C LEU A 118 22.55 -9.88 -9.28
N ASP A 119 22.53 -8.55 -9.14
CA ASP A 119 23.37 -7.67 -9.96
C ASP A 119 23.41 -6.26 -9.37
N ASP A 120 24.16 -5.36 -10.02
CA ASP A 120 24.25 -3.96 -9.59
C ASP A 120 22.95 -3.20 -9.66
N ARG A 121 22.12 -3.55 -10.64
CA ARG A 121 20.83 -2.90 -10.79
C ARG A 121 19.95 -3.13 -9.55
N GLU A 122 19.97 -4.35 -9.00
CA GLU A 122 19.21 -4.66 -7.80
C GLU A 122 19.76 -3.93 -6.57
N ARG A 123 21.07 -3.96 -6.42
CA ARG A 123 21.78 -3.18 -5.39
C ARG A 123 21.33 -1.72 -5.40
N GLU A 124 21.26 -1.15 -6.60
CA GLU A 124 20.85 0.24 -6.80
C GLU A 124 19.39 0.48 -6.38
N VAL A 125 18.49 -0.43 -6.77
CA VAL A 125 17.07 -0.32 -6.37
C VAL A 125 16.95 -0.43 -4.85
N ALA A 126 17.70 -1.35 -4.25
CA ALA A 126 17.72 -1.48 -2.79
C ALA A 126 18.15 -0.16 -2.12
N ALA A 127 19.20 0.46 -2.65
CA ALA A 127 19.70 1.75 -2.15
C ALA A 127 18.72 2.92 -2.34
N SER A 128 17.83 2.84 -3.32
CA SER A 128 16.82 3.89 -3.53
C SER A 128 15.69 3.90 -2.48
N LEU A 129 15.44 2.75 -1.84
CA LEU A 129 14.50 2.64 -0.72
C LEU A 129 15.16 1.85 0.42
N PRO A 130 16.17 2.45 1.09
CA PRO A 130 16.95 1.67 2.06
C PRO A 130 16.11 1.14 3.23
N HIS A 131 15.12 1.90 3.67
CA HIS A 131 14.26 1.43 4.74
C HIS A 131 13.60 0.13 4.30
N ALA A 132 12.88 0.15 3.17
CA ALA A 132 12.23 -1.05 2.62
C ALA A 132 13.12 -2.29 2.49
N PHE A 133 14.29 -2.12 1.88
CA PHE A 133 15.08 -3.23 1.35
C PHE A 133 16.39 -3.56 2.09
N ILE A 134 16.94 -2.60 2.82
CA ILE A 134 18.15 -2.84 3.61
C ILE A 134 17.81 -3.04 5.10
N GLY A 135 16.99 -2.14 5.64
CA GLY A 135 16.57 -2.18 7.02
C GLY A 135 17.34 -1.20 7.87
N ASP A 136 16.70 -0.74 8.94
CA ASP A 136 17.33 0.19 9.86
C ASP A 136 16.76 0.02 11.25
N VAL A 137 17.38 0.69 12.21
CA VAL A 137 17.01 0.59 13.61
C VAL A 137 16.66 1.98 14.14
N LYS A 138 15.51 2.09 14.80
CA LYS A 138 15.13 3.28 15.54
C LYS A 138 14.75 2.83 16.95
N GLY A 139 15.62 3.11 17.91
CA GLY A 139 15.40 2.70 19.31
C GLY A 139 15.47 1.20 19.44
N THR A 140 14.38 0.60 19.95
CA THR A 140 14.23 -0.85 20.06
C THR A 140 13.46 -1.48 18.88
N THR A 141 13.29 -0.72 17.79
CA THR A 141 12.49 -1.20 16.68
C THR A 141 13.34 -1.29 15.42
N VAL A 142 13.32 -2.46 14.78
CA VAL A 142 13.92 -2.60 13.45
C VAL A 142 12.79 -2.43 12.45
N GLY A 143 13.06 -1.60 11.44
CA GLY A 143 12.13 -1.34 10.35
C GLY A 143 12.70 -1.86 9.05
N GLY A 144 11.80 -2.26 8.15
CA GLY A 144 12.11 -2.46 6.75
C GLY A 144 13.12 -3.51 6.33
N CYS A 145 12.94 -4.73 6.78
CA CYS A 145 13.80 -5.82 6.35
C CYS A 145 12.98 -6.77 5.51
N HIS A 146 12.55 -6.27 4.35
CA HIS A 146 11.57 -6.98 3.55
C HIS A 146 12.15 -7.76 2.36
N HIS A 147 13.47 -7.92 2.32
CA HIS A 147 14.10 -8.64 1.22
C HIS A 147 15.12 -9.64 1.74
N VAL A 148 15.36 -10.67 0.93
CA VAL A 148 16.31 -11.73 1.25
C VAL A 148 17.74 -11.20 1.42
N THR A 149 18.01 -10.04 0.84
CA THR A 149 19.28 -9.33 0.98
C THR A 149 19.34 -8.36 2.17
N SER A 150 18.24 -8.21 2.93
CA SER A 150 18.16 -7.23 4.01
C SER A 150 19.03 -7.59 5.21
N ARG A 151 19.22 -6.61 6.07
CA ARG A 151 19.89 -6.83 7.35
C ARG A 151 18.96 -7.49 8.36
N TYR A 152 19.56 -7.95 9.46
CA TYR A 152 18.85 -8.41 10.65
C TYR A 152 18.02 -9.70 10.48
N LEU A 153 18.27 -10.45 9.40
CA LEU A 153 17.48 -11.63 9.10
C LEU A 153 17.97 -12.84 9.89
N PRO A 154 17.06 -13.78 10.19
CA PRO A 154 17.46 -15.02 10.87
C PRO A 154 18.09 -16.00 9.89
N ARG A 155 18.66 -17.07 10.42
CA ARG A 155 19.29 -18.10 9.58
C ARG A 155 18.28 -18.95 8.77
N VAL A 156 17.10 -19.22 9.31
CA VAL A 156 16.10 -20.02 8.57
C VAL A 156 14.98 -19.10 8.09
N LEU A 157 14.81 -19.08 6.77
CA LEU A 157 13.77 -18.32 6.11
C LEU A 157 12.74 -19.31 5.56
N PRO A 158 11.46 -19.10 5.87
CA PRO A 158 10.44 -20.00 5.31
C PRO A 158 10.49 -20.02 3.77
N LYS A 159 10.31 -21.21 3.19
CA LYS A 159 10.34 -21.38 1.74
C LYS A 159 8.97 -21.09 1.18
N GLU A 160 8.65 -19.80 1.13
CA GLU A 160 7.32 -19.31 0.78
C GLU A 160 7.49 -18.18 -0.23
N SER A 161 6.40 -17.82 -0.89
CA SER A 161 6.38 -16.68 -1.80
C SER A 161 6.52 -15.36 -1.02
N VAL A 162 5.67 -15.19 -0.01
CA VAL A 162 5.83 -14.15 1.00
C VAL A 162 6.10 -14.83 2.33
N ALA A 163 7.34 -14.74 2.79
CA ALA A 163 7.78 -15.38 4.00
C ALA A 163 7.53 -14.44 5.17
N VAL A 164 7.24 -15.00 6.34
CA VAL A 164 7.05 -14.22 7.56
C VAL A 164 8.15 -14.58 8.55
N VAL A 165 8.80 -13.56 9.10
CA VAL A 165 10.03 -13.72 9.84
C VAL A 165 10.14 -12.67 10.95
N GLY A 166 10.87 -13.02 12.02
CA GLY A 166 11.28 -12.07 13.04
C GLY A 166 12.66 -11.55 12.68
N VAL A 167 12.93 -10.30 13.03
CA VAL A 167 14.20 -9.66 12.67
C VAL A 167 14.82 -9.06 13.92
N SER A 168 16.14 -9.06 13.98
CA SER A 168 16.88 -8.68 15.19
C SER A 168 18.17 -7.91 14.87
N SER A 169 18.32 -6.77 15.54
CA SER A 169 19.62 -6.11 15.67
C SER A 169 20.12 -6.48 17.07
N PRO A 170 21.03 -7.47 17.18
CA PRO A 170 21.39 -8.05 18.48
C PRO A 170 21.77 -7.02 19.54
N GLY A 171 21.17 -7.16 20.72
CA GLY A 171 21.42 -6.24 21.83
C GLY A 171 20.81 -4.86 21.70
N LYS A 172 20.01 -4.61 20.66
CA LYS A 172 19.49 -3.27 20.36
C LYS A 172 18.00 -3.27 20.06
N ALA A 173 17.59 -3.99 19.02
CA ALA A 173 16.23 -3.84 18.48
C ALA A 173 15.69 -5.15 17.89
N ALA A 174 14.38 -5.18 17.69
CA ALA A 174 13.67 -6.32 17.14
C ALA A 174 12.37 -5.92 16.48
N ALA A 175 11.86 -6.80 15.61
CA ALA A 175 10.48 -6.73 15.13
C ALA A 175 9.99 -8.17 14.98
N ALA A 176 8.87 -8.48 15.64
CA ALA A 176 8.37 -9.86 15.77
C ALA A 176 7.96 -10.49 14.44
N LEU A 177 7.29 -9.72 13.60
CA LEU A 177 6.74 -10.23 12.35
C LEU A 177 6.98 -9.23 11.24
N CYS A 178 7.64 -9.69 10.19
CA CYS A 178 7.83 -8.88 9.01
C CYS A 178 7.91 -9.76 7.75
N THR A 179 7.30 -9.28 6.67
CA THR A 179 7.17 -10.05 5.45
C THR A 179 8.41 -9.87 4.60
N LEU A 180 8.74 -10.91 3.84
CA LEU A 180 9.98 -10.94 3.10
C LEU A 180 9.78 -11.71 1.81
N THR A 181 10.42 -11.23 0.74
CA THR A 181 10.49 -11.97 -0.52
C THR A 181 11.92 -11.98 -1.03
N ASP A 182 12.18 -12.78 -2.06
CA ASP A 182 13.44 -12.71 -2.81
C ASP A 182 13.26 -12.29 -4.28
N VAL A 183 12.20 -11.53 -4.56
CA VAL A 183 11.96 -11.08 -5.92
C VAL A 183 13.09 -10.16 -6.39
N TYR A 184 13.39 -10.22 -7.68
CA TYR A 184 14.35 -9.32 -8.32
C TYR A 184 13.82 -7.89 -8.23
N LEU A 185 14.44 -7.07 -7.38
CA LEU A 185 13.88 -5.76 -7.02
C LEU A 185 13.56 -4.80 -8.20
N PRO A 186 14.35 -4.86 -9.28
CA PRO A 186 13.96 -4.04 -10.44
C PRO A 186 12.59 -4.37 -11.05
N ASP A 187 12.08 -5.60 -10.87
CA ASP A 187 10.68 -5.92 -11.25
C ASP A 187 9.63 -5.09 -10.54
N LEU A 188 9.97 -4.55 -9.38
CA LEU A 188 9.05 -3.71 -8.62
C LEU A 188 9.19 -2.20 -8.87
N GLU A 189 10.24 -1.76 -9.58
CA GLU A 189 10.53 -0.32 -9.84
C GLU A 189 9.31 0.49 -10.26
N ALA A 190 8.52 -0.06 -11.17
CA ALA A 190 7.31 0.59 -11.68
C ALA A 190 6.24 0.86 -10.61
N TYR A 191 6.32 0.16 -9.48
CA TYR A 191 5.38 0.34 -8.37
C TYR A 191 5.89 1.25 -7.25
N LEU A 192 7.16 1.62 -7.27
CA LEU A 192 7.81 2.28 -6.13
C LEU A 192 7.80 3.82 -6.16
N HIS A 193 7.14 4.44 -7.14
CA HIS A 193 7.11 5.91 -7.21
C HIS A 193 5.70 6.45 -7.35
N PRO A 194 4.84 6.19 -6.35
CA PRO A 194 3.48 6.66 -6.45
C PRO A 194 3.39 8.18 -6.26
N GLU A 195 2.45 8.79 -6.99
CA GLU A 195 2.07 10.19 -6.79
C GLU A 195 1.65 10.48 -5.36
N THR A 196 0.90 9.55 -4.78
CA THR A 196 0.30 9.70 -3.47
C THR A 196 1.30 9.25 -2.42
N GLN A 197 1.05 9.63 -1.17
CA GLN A 197 1.92 9.29 -0.04
C GLN A 197 1.93 7.80 0.27
N SER A 198 0.84 7.11 0.00
CA SER A 198 0.81 5.65 0.07
C SER A 198 -0.03 5.08 -1.06
N LYS A 199 0.23 3.81 -1.41
CA LYS A 199 -0.56 3.11 -2.40
C LYS A 199 -0.52 1.59 -2.20
N CYS A 200 -1.65 0.95 -2.51
CA CYS A 200 -1.80 -0.49 -2.43
C CYS A 200 -1.95 -1.04 -3.84
N TRP A 201 -0.92 -1.74 -4.34
CA TRP A 201 -0.98 -2.37 -5.65
C TRP A 201 -1.46 -3.82 -5.52
N LYS A 202 -2.28 -4.29 -6.45
CA LYS A 202 -2.63 -5.73 -6.53
C LYS A 202 -1.82 -6.37 -7.65
N MET A 203 -1.18 -7.50 -7.35
CA MET A 203 -0.40 -8.21 -8.36
C MET A 203 -0.23 -9.66 -7.95
N MET A 204 0.47 -10.42 -8.78
CA MET A 204 0.76 -11.80 -8.47
C MET A 204 2.26 -12.00 -8.29
N LEU A 205 2.59 -12.87 -7.34
CA LEU A 205 3.94 -13.33 -7.06
C LEU A 205 3.87 -14.85 -7.02
N ASP A 206 4.60 -15.50 -7.94
CA ASP A 206 4.53 -16.97 -8.12
C ASP A 206 3.08 -17.44 -8.34
N PHE A 207 2.31 -16.65 -9.09
CA PHE A 207 0.87 -16.87 -9.31
C PHE A 207 -0.04 -16.80 -8.07
N LYS A 208 0.42 -16.19 -6.99
CA LYS A 208 -0.39 -15.99 -5.80
C LYS A 208 -0.78 -14.53 -5.76
N GLU A 209 -2.06 -14.25 -5.57
CA GLU A 209 -2.56 -12.88 -5.43
C GLU A 209 -1.99 -12.25 -4.17
N VAL A 210 -1.29 -11.14 -4.34
CA VAL A 210 -0.68 -10.42 -3.22
C VAL A 210 -0.99 -8.95 -3.38
N ARG A 211 -0.67 -8.19 -2.34
CA ARG A 211 -0.72 -6.74 -2.39
C ARG A 211 0.65 -6.17 -2.04
N LEU A 212 1.08 -5.16 -2.77
CA LEU A 212 2.33 -4.47 -2.49
C LEU A 212 1.95 -3.13 -1.95
N MET A 213 2.33 -2.87 -0.71
CA MET A 213 2.06 -1.60 -0.07
C MET A 213 3.30 -0.75 -0.24
N VAL A 214 3.14 0.46 -0.78
CA VAL A 214 4.23 1.41 -0.94
C VAL A 214 3.90 2.72 -0.24
N TRP A 215 4.81 3.19 0.60
CA TRP A 215 4.81 4.55 1.11
C TRP A 215 5.92 5.34 0.44
N ARG A 216 5.51 6.35 -0.33
CA ARG A 216 6.39 7.23 -1.11
C ARG A 216 7.66 7.62 -0.36
N ASP A 217 8.81 7.31 -0.95
CA ASP A 217 10.13 7.61 -0.39
C ASP A 217 10.38 7.06 1.02
N LYS A 218 9.66 6.01 1.41
CA LYS A 218 9.80 5.47 2.76
C LYS A 218 9.97 3.96 2.74
N THR A 219 8.92 3.23 2.39
CA THR A 219 8.97 1.78 2.53
C THR A 219 8.01 1.09 1.58
N ALA A 220 8.21 -0.21 1.45
CA ALA A 220 7.36 -1.06 0.64
C ALA A 220 7.47 -2.49 1.12
N TYR A 221 6.35 -3.19 1.08
CA TYR A 221 6.31 -4.57 1.49
C TYR A 221 5.11 -5.27 0.91
N PHE A 222 5.24 -6.58 0.79
CA PHE A 222 4.18 -7.42 0.27
C PHE A 222 3.32 -7.92 1.41
N GLN A 223 2.11 -8.30 1.05
CA GLN A 223 1.12 -8.79 2.00
C GLN A 223 0.24 -9.81 1.27
N LEU A 224 -0.18 -10.85 1.97
CA LEU A 224 -1.01 -11.93 1.36
C LEU A 224 -2.46 -11.69 1.70
N GLY B 1 -8.66 40.43 -5.51
CA GLY B 1 -8.94 39.19 -6.31
C GLY B 1 -10.34 38.63 -6.13
N SER B 2 -10.72 37.71 -7.02
CA SER B 2 -12.03 37.05 -6.95
C SER B 2 -12.19 36.13 -5.72
N GLY B 3 -11.07 35.70 -5.13
CA GLY B 3 -11.06 34.84 -3.96
C GLY B 3 -10.29 33.56 -4.26
N SER B 4 -10.08 32.76 -3.23
CA SER B 4 -9.32 31.52 -3.37
C SER B 4 -10.04 30.39 -2.67
N SER B 5 -9.74 29.16 -3.08
CA SER B 5 -10.03 28.01 -2.24
C SER B 5 -9.29 28.17 -0.90
N SER B 6 -9.85 27.58 0.15
CA SER B 6 -9.38 27.76 1.51
C SER B 6 -9.72 26.53 2.35
N PRO B 7 -8.95 26.26 3.42
CA PRO B 7 -9.18 25.06 4.19
C PRO B 7 -10.51 25.03 4.93
N LEU B 8 -11.00 23.81 5.16
CA LEU B 8 -12.05 23.58 6.13
C LEU B 8 -11.46 23.96 7.48
N PRO B 9 -12.28 24.54 8.39
CA PRO B 9 -11.71 25.12 9.60
C PRO B 9 -10.77 24.20 10.40
N LYS B 10 -11.17 22.94 10.53
CA LYS B 10 -10.36 21.94 11.22
C LYS B 10 -8.89 21.92 10.79
N VAL B 11 -8.63 22.07 9.49
CA VAL B 11 -7.25 22.03 8.97
C VAL B 11 -6.40 23.16 9.55
N ALA B 12 -6.96 24.36 9.57
CA ALA B 12 -6.25 25.51 10.11
C ALA B 12 -6.16 25.45 11.63
N HIS B 13 -7.23 25.00 12.28
CA HIS B 13 -7.24 24.85 13.74
C HIS B 13 -6.16 23.88 14.20
N ASN B 14 -6.03 22.77 13.49
CA ASN B 14 -5.02 21.77 13.80
C ASN B 14 -3.59 22.27 13.59
N LEU B 15 -3.42 23.27 12.72
CA LEU B 15 -2.13 23.99 12.59
C LEU B 15 -1.98 25.17 13.56
N GLY B 16 -2.98 25.42 14.42
CA GLY B 16 -2.93 26.47 15.43
C GLY B 16 -3.38 27.85 14.98
N PHE B 17 -4.24 27.91 13.95
CA PHE B 17 -4.77 29.16 13.41
C PHE B 17 -6.30 29.16 13.55
N TYR B 18 -6.82 30.20 14.19
CA TYR B 18 -8.25 30.32 14.52
C TYR B 18 -8.91 31.60 14.00
N PHE B 19 -8.16 32.69 13.87
CA PHE B 19 -8.70 33.98 13.44
C PHE B 19 -8.35 34.30 11.98
N SER B 20 -9.23 35.06 11.34
CA SER B 20 -9.02 35.52 9.97
C SER B 20 -9.59 36.92 9.79
N PRO B 21 -8.86 37.79 9.07
CA PRO B 21 -9.48 39.06 8.69
C PRO B 21 -10.43 38.96 7.51
N ASP B 22 -10.32 37.89 6.71
CA ASP B 22 -11.01 37.78 5.42
C ASP B 22 -11.87 36.53 5.19
N LEU B 23 -11.61 35.41 5.89
CA LEU B 23 -12.28 34.15 5.60
C LEU B 23 -13.45 33.91 6.55
N THR B 24 -14.67 33.77 6.01
CA THR B 24 -15.88 33.71 6.85
C THR B 24 -16.02 32.46 7.68
N GLN B 25 -15.32 31.38 7.32
CA GLN B 25 -15.41 30.15 8.12
C GLN B 25 -14.57 30.17 9.41
N PHE B 26 -13.81 31.25 9.64
CA PHE B 26 -13.02 31.40 10.86
C PHE B 26 -13.53 32.55 11.69
N ALA B 27 -13.07 32.65 12.94
CA ALA B 27 -13.45 33.75 13.82
C ALA B 27 -12.86 35.06 13.27
N LYS B 28 -13.71 36.06 13.15
CA LYS B 28 -13.33 37.37 12.61
C LYS B 28 -12.30 38.10 13.48
N LEU B 29 -11.32 38.68 12.80
CA LEU B 29 -10.32 39.54 13.44
C LEU B 29 -10.31 40.83 12.65
N PRO B 30 -10.40 41.99 13.33
CA PRO B 30 -10.19 43.22 12.58
C PRO B 30 -8.84 43.18 11.84
N VAL B 31 -8.87 43.60 10.58
CA VAL B 31 -7.67 43.56 9.74
C VAL B 31 -6.51 44.39 10.32
N GLU B 32 -6.86 45.42 11.10
CA GLU B 32 -5.88 46.23 11.83
C GLU B 32 -5.06 45.46 12.86
N LEU B 33 -5.59 44.32 13.33
CA LEU B 33 -4.91 43.50 14.34
C LEU B 33 -4.16 42.32 13.76
N ALA B 34 -4.33 42.06 12.47
CA ALA B 34 -3.64 40.95 11.80
C ALA B 34 -2.10 41.04 11.82
N PRO B 35 -1.53 42.27 11.90
CA PRO B 35 -0.08 42.36 12.11
C PRO B 35 0.43 41.89 13.47
N HIS B 36 -0.46 41.75 14.45
CA HIS B 36 -0.07 41.39 15.82
C HIS B 36 -0.66 40.09 16.33
N TRP B 37 -1.26 39.27 15.46
CA TRP B 37 -1.83 37.97 15.87
C TRP B 37 -1.80 36.98 14.69
N PRO B 38 -1.57 35.68 14.97
CA PRO B 38 -1.61 34.73 13.86
C PRO B 38 -2.98 34.70 13.17
N VAL B 39 -2.98 34.67 11.84
CA VAL B 39 -4.21 34.64 11.07
C VAL B 39 -4.10 33.65 9.92
N VAL B 40 -5.20 32.95 9.66
CA VAL B 40 -5.38 32.18 8.42
C VAL B 40 -6.08 33.08 7.39
N THR B 41 -5.63 33.04 6.15
CA THR B 41 -6.04 34.06 5.17
C THR B 41 -5.79 33.58 3.75
N THR B 42 -6.39 34.29 2.79
CA THR B 42 -6.05 34.12 1.38
C THR B 42 -5.24 35.31 0.87
N GLN B 43 -4.87 36.24 1.74
CA GLN B 43 -4.11 37.41 1.37
C GLN B 43 -2.70 37.27 1.91
N ASN B 44 -1.74 37.06 1.01
CA ASN B 44 -0.33 36.95 1.38
C ASN B 44 0.24 38.32 1.73
N ASN B 45 -0.17 38.84 2.87
CA ASN B 45 0.20 40.18 3.28
C ASN B 45 1.44 40.07 4.16
N GLU B 46 2.52 40.71 3.72
CA GLU B 46 3.82 40.62 4.42
C GLU B 46 3.83 41.38 5.74
N LYS B 47 2.88 42.28 5.93
CA LYS B 47 2.68 42.95 7.21
C LYS B 47 2.13 42.04 8.33
N TRP B 48 1.70 40.82 7.99
CA TRP B 48 1.19 39.87 8.98
C TRP B 48 2.21 38.75 9.13
N PRO B 49 3.21 38.93 10.03
CA PRO B 49 4.35 38.02 10.05
C PRO B 49 3.98 36.57 10.40
N ASP B 50 2.94 36.39 11.21
CA ASP B 50 2.41 35.06 11.51
C ASP B 50 1.12 34.85 10.73
N ARG B 51 1.21 34.05 9.67
CA ARG B 51 0.07 33.83 8.81
C ARG B 51 0.10 32.49 8.13
N LEU B 52 -1.08 31.92 7.93
CA LEU B 52 -1.29 30.71 7.18
C LEU B 52 -2.07 31.13 5.95
N VAL B 53 -1.41 31.10 4.80
CA VAL B 53 -1.99 31.62 3.57
C VAL B 53 -2.50 30.45 2.76
N ALA B 54 -3.77 30.51 2.36
CA ALA B 54 -4.34 29.55 1.41
C ALA B 54 -4.36 30.18 0.03
N SER B 55 -3.88 29.47 -0.99
CA SER B 55 -3.80 30.00 -2.36
C SER B 55 -4.08 28.96 -3.43
N LEU B 56 -4.50 29.44 -4.60
CA LEU B 56 -4.73 28.56 -5.76
C LEU B 56 -3.42 28.05 -6.36
N ARG B 57 -2.35 28.85 -6.28
CA ARG B 57 -1.05 28.51 -6.84
C ARG B 57 0.01 28.62 -5.75
N PRO B 58 1.15 27.90 -5.92
CA PRO B 58 2.21 27.99 -4.90
C PRO B 58 2.74 29.40 -4.80
N ILE B 59 3.16 29.80 -3.61
CA ILE B 59 3.77 31.11 -3.42
C ILE B 59 5.20 31.05 -2.86
N HIS B 60 5.71 29.84 -2.62
CA HIS B 60 6.99 29.63 -1.95
C HIS B 60 7.35 28.15 -2.11
N LYS B 61 8.65 27.84 -1.98
CA LYS B 61 9.12 26.44 -2.02
C LYS B 61 8.44 25.54 -0.99
N TYR B 62 8.07 26.10 0.16
CA TYR B 62 7.45 25.35 1.26
C TYR B 62 5.92 25.34 1.22
N SER B 63 5.32 25.91 0.18
CA SER B 63 3.89 25.81 -0.05
C SER B 63 3.51 24.34 -0.18
N ARG B 64 2.53 23.92 0.62
CA ARG B 64 2.07 22.54 0.66
C ARG B 64 0.82 22.39 -0.20
N ALA B 65 0.89 21.53 -1.21
CA ALA B 65 -0.27 21.17 -2.01
C ALA B 65 -1.17 20.27 -1.17
N CYS B 66 -2.42 20.71 -0.95
CA CYS B 66 -3.40 19.93 -0.22
C CYS B 66 -4.32 19.24 -1.22
N ILE B 67 -4.01 17.98 -1.51
CA ILE B 67 -4.59 17.26 -2.64
C ILE B 67 -5.76 16.43 -2.17
N GLY B 68 -6.87 16.51 -2.90
CA GLY B 68 -8.10 15.80 -2.57
C GLY B 68 -8.79 16.25 -1.30
N ALA B 69 -8.40 17.43 -0.78
CA ALA B 69 -8.93 17.94 0.46
C ALA B 69 -10.27 18.62 0.20
N GLY B 70 -11.19 18.50 1.14
CA GLY B 70 -12.36 19.35 1.17
C GLY B 70 -11.90 20.77 1.35
N TYR B 71 -12.67 21.71 0.82
CA TYR B 71 -12.30 23.12 0.88
C TYR B 71 -13.51 24.02 0.78
N MET B 72 -13.27 25.31 1.01
CA MET B 72 -14.31 26.31 0.90
C MET B 72 -13.90 27.40 -0.06
N VAL B 73 -14.90 27.89 -0.80
CA VAL B 73 -14.81 29.11 -1.59
C VAL B 73 -15.95 29.97 -1.12
N GLY B 74 -15.61 31.10 -0.49
CA GLY B 74 -16.59 31.92 0.20
C GLY B 74 -17.39 31.08 1.17
N PRO B 75 -18.73 31.11 1.07
CA PRO B 75 -19.55 30.37 2.02
C PRO B 75 -19.76 28.91 1.64
N SER B 76 -19.23 28.46 0.50
CA SER B 76 -19.60 27.19 -0.06
C SER B 76 -18.50 26.16 0.15
N VAL B 77 -18.92 24.97 0.57
CA VAL B 77 -18.06 23.82 0.70
C VAL B 77 -17.97 23.05 -0.61
N PHE B 78 -16.75 22.66 -0.99
CA PHE B 78 -16.50 21.82 -2.15
C PHE B 78 -15.82 20.54 -1.73
N LEU B 79 -16.20 19.46 -2.38
CA LEU B 79 -15.62 18.15 -2.14
C LEU B 79 -14.21 18.09 -2.71
N GLY B 80 -13.33 17.34 -2.07
CA GLY B 80 -12.02 17.07 -2.62
C GLY B 80 -12.18 16.31 -3.92
N THR B 81 -11.29 16.58 -4.87
CA THR B 81 -11.20 15.79 -6.10
C THR B 81 -9.88 15.01 -6.00
N PRO B 82 -9.92 13.67 -5.98
CA PRO B 82 -8.69 12.88 -5.91
C PRO B 82 -7.68 13.31 -6.95
N GLY B 83 -6.43 13.47 -6.53
CA GLY B 83 -5.35 13.85 -7.43
C GLY B 83 -5.31 15.31 -7.85
N VAL B 84 -6.22 16.13 -7.34
CA VAL B 84 -6.28 17.54 -7.71
C VAL B 84 -6.02 18.37 -6.47
N VAL B 85 -5.15 19.37 -6.61
CA VAL B 85 -4.86 20.29 -5.52
C VAL B 85 -6.10 21.12 -5.23
N SER B 86 -6.60 21.01 -4.00
CA SER B 86 -7.72 21.83 -3.54
C SER B 86 -7.25 23.26 -3.26
N TYR B 87 -6.15 23.37 -2.53
CA TYR B 87 -5.54 24.67 -2.23
C TYR B 87 -4.13 24.41 -1.80
N TYR B 88 -3.27 25.44 -1.89
CA TYR B 88 -1.94 25.40 -1.30
C TYR B 88 -1.98 26.07 0.07
N LEU B 89 -1.20 25.56 1.01
CA LEU B 89 -0.99 26.19 2.31
C LEU B 89 0.45 26.60 2.46
N THR B 90 0.67 27.85 2.87
CA THR B 90 2.00 28.36 3.18
C THR B 90 1.96 29.00 4.56
N LYS B 91 2.72 28.40 5.49
CA LYS B 91 2.76 28.87 6.88
C LYS B 91 3.95 29.80 7.09
N PHE B 92 3.68 31.03 7.50
CA PHE B 92 4.70 31.99 7.84
C PHE B 92 4.73 32.17 9.35
N VAL B 93 5.94 32.14 9.91
CA VAL B 93 6.18 32.40 11.33
C VAL B 93 7.26 33.47 11.41
N LYS B 94 6.92 34.63 11.97
CA LYS B 94 7.81 35.80 12.04
C LYS B 94 8.35 36.18 10.66
N GLY B 95 7.49 36.13 9.65
CA GLY B 95 7.84 36.49 8.28
C GLY B 95 8.50 35.39 7.45
N GLU B 96 8.87 34.28 8.09
CA GLU B 96 9.59 33.20 7.43
C GLU B 96 8.72 31.97 7.20
N ALA B 97 8.67 31.50 5.96
CA ALA B 97 7.92 30.30 5.63
C ALA B 97 8.52 29.07 6.32
N GLN B 98 7.65 28.15 6.74
CA GLN B 98 8.05 26.96 7.48
C GLN B 98 7.59 25.74 6.70
N LEU B 99 8.36 24.66 6.81
CA LEU B 99 7.99 23.39 6.22
C LEU B 99 6.79 22.84 6.99
N LEU B 100 5.72 22.49 6.28
CA LEU B 100 4.56 21.86 6.92
C LEU B 100 4.71 20.35 6.84
N PRO B 101 4.16 19.62 7.81
CA PRO B 101 4.22 18.17 7.72
C PRO B 101 3.28 17.60 6.66
N GLU B 102 3.50 16.34 6.31
CA GLU B 102 2.60 15.62 5.41
C GLU B 102 1.36 15.19 6.20
N THR B 103 0.26 15.00 5.49
CA THR B 103 -0.99 14.54 6.11
C THR B 103 -1.91 14.00 5.04
N VAL B 104 -2.85 13.15 5.43
CA VAL B 104 -4.01 12.88 4.59
C VAL B 104 -5.12 13.87 4.98
N PHE B 105 -6.09 14.05 4.09
CA PHE B 105 -7.14 15.06 4.27
C PHE B 105 -8.54 14.46 4.25
N SER B 106 -9.42 15.07 5.07
CA SER B 106 -10.85 14.84 4.97
C SER B 106 -11.35 15.51 3.67
N THR B 107 -12.40 14.94 3.09
CA THR B 107 -12.86 15.26 1.73
C THR B 107 -13.97 16.33 1.62
N GLY B 108 -14.49 16.78 2.77
CA GLY B 108 -15.60 17.73 2.80
C GLY B 108 -16.98 17.10 2.74
N ARG B 109 -17.05 15.79 2.60
CA ARG B 109 -18.35 15.13 2.50
C ARG B 109 -19.21 15.25 3.77
N ILE B 110 -18.57 15.23 4.94
CA ILE B 110 -19.28 15.37 6.21
C ILE B 110 -20.05 16.69 6.26
N GLU B 111 -19.37 17.78 5.87
CA GLU B 111 -19.93 19.13 5.94
C GLU B 111 -21.19 19.32 5.09
N VAL B 112 -21.26 18.67 3.93
CA VAL B 112 -22.43 18.78 3.03
C VAL B 112 -23.35 17.55 3.07
N ASP B 113 -23.17 16.69 4.07
CA ASP B 113 -23.93 15.46 4.23
C ASP B 113 -23.91 14.54 3.02
N CYS B 114 -22.78 14.48 2.32
CA CYS B 114 -22.63 13.61 1.15
C CYS B 114 -22.27 12.18 1.59
N ARG B 115 -23.02 11.21 1.09
CA ARG B 115 -22.84 9.79 1.44
C ARG B 115 -22.30 8.96 0.28
N GLU B 116 -21.89 9.64 -0.80
CA GLU B 116 -21.50 9.00 -2.06
C GLU B 116 -19.99 8.75 -2.12
N TYR B 117 -19.60 7.74 -2.91
CA TYR B 117 -18.18 7.52 -3.23
C TYR B 117 -17.71 8.61 -4.19
N LEU B 118 -16.44 8.99 -4.08
CA LEU B 118 -15.89 10.02 -4.96
C LEU B 118 -15.64 9.51 -6.38
N ASP B 119 -15.47 8.20 -6.52
CA ASP B 119 -15.20 7.57 -7.82
C ASP B 119 -15.31 6.04 -7.70
N ASP B 120 -15.11 5.33 -8.80
CA ASP B 120 -15.16 3.86 -8.79
C ASP B 120 -14.02 3.24 -8.00
N ARG B 121 -12.84 3.85 -8.02
CA ARG B 121 -11.70 3.36 -7.24
C ARG B 121 -12.07 3.25 -5.75
N GLU B 122 -12.67 4.31 -5.19
CA GLU B 122 -13.12 4.28 -3.79
C GLU B 122 -14.18 3.20 -3.57
N ARG B 123 -15.13 3.09 -4.48
CA ARG B 123 -16.17 2.05 -4.42
C ARG B 123 -15.57 0.64 -4.35
N GLU B 124 -14.55 0.39 -5.16
CA GLU B 124 -13.84 -0.89 -5.19
C GLU B 124 -13.08 -1.19 -3.89
N VAL B 125 -12.43 -0.17 -3.32
CA VAL B 125 -11.76 -0.33 -2.01
C VAL B 125 -12.75 -0.73 -0.91
N ALA B 126 -13.90 -0.07 -0.88
CA ALA B 126 -14.97 -0.37 0.09
C ALA B 126 -15.46 -1.80 -0.04
N ALA B 127 -15.69 -2.22 -1.28
CA ALA B 127 -16.12 -3.57 -1.60
C ALA B 127 -15.12 -4.61 -1.13
N SER B 128 -13.83 -4.32 -1.28
CA SER B 128 -12.76 -5.25 -0.88
C SER B 128 -12.54 -5.30 0.64
N LEU B 129 -13.00 -4.27 1.34
CA LEU B 129 -12.85 -4.16 2.79
C LEU B 129 -14.22 -3.90 3.46
N PRO B 130 -15.09 -4.93 3.51
CA PRO B 130 -16.47 -4.70 3.97
C PRO B 130 -16.64 -4.48 5.48
N HIS B 131 -15.58 -4.66 6.26
CA HIS B 131 -15.62 -4.44 7.70
C HIS B 131 -14.77 -3.25 8.15
N ALA B 132 -14.32 -2.46 7.18
CA ALA B 132 -13.62 -1.20 7.48
C ALA B 132 -14.65 -0.05 7.59
N PHE B 133 -14.71 0.57 8.76
CA PHE B 133 -15.52 1.79 8.98
C PHE B 133 -17.02 1.61 8.74
N ILE B 134 -17.58 0.55 9.33
CA ILE B 134 -19.03 0.29 9.29
C ILE B 134 -19.59 0.06 10.70
N GLY B 135 -18.95 0.67 11.70
CA GLY B 135 -19.39 0.57 13.07
C GLY B 135 -19.04 -0.69 13.86
N ASP B 136 -18.30 -1.63 13.25
CA ASP B 136 -17.80 -2.82 13.97
C ASP B 136 -16.78 -2.39 15.02
N VAL B 137 -16.93 -2.88 16.25
CA VAL B 137 -15.99 -2.63 17.35
C VAL B 137 -15.70 -3.98 18.04
N LYS B 138 -14.50 -4.12 18.61
CA LYS B 138 -14.09 -5.35 19.32
C LYS B 138 -14.28 -5.26 20.83
N GLY B 144 -19.32 3.05 17.48
CA GLY B 144 -18.43 2.67 16.40
C GLY B 144 -17.99 3.79 15.45
N CYS B 145 -17.14 3.43 14.50
CA CYS B 145 -16.59 4.35 13.52
C CYS B 145 -17.15 4.09 12.13
N HIS B 146 -17.71 5.14 11.51
CA HIS B 146 -18.32 5.02 10.19
C HIS B 146 -17.67 5.92 9.18
N HIS B 147 -17.45 5.38 7.98
CA HIS B 147 -17.20 6.20 6.81
C HIS B 147 -18.55 6.80 6.39
N VAL B 148 -18.52 7.97 5.79
CA VAL B 148 -19.74 8.58 5.24
C VAL B 148 -20.50 7.70 4.24
N THR B 149 -19.79 6.79 3.60
CA THR B 149 -20.37 5.84 2.65
C THR B 149 -20.87 4.55 3.31
N SER B 150 -20.72 4.42 4.63
CA SER B 150 -21.15 3.21 5.33
C SER B 150 -22.60 2.80 4.99
N ARG B 151 -22.77 1.54 4.61
CA ARG B 151 -24.10 0.95 4.37
C ARG B 151 -25.08 1.07 5.57
N TYR B 152 -24.56 1.19 6.79
CA TYR B 152 -25.40 1.29 7.99
C TYR B 152 -25.66 2.70 8.53
N LEU B 153 -25.10 3.74 7.90
CA LEU B 153 -25.44 5.13 8.28
C LEU B 153 -26.87 5.46 7.88
N PRO B 154 -27.72 5.84 8.87
CA PRO B 154 -29.05 6.32 8.49
C PRO B 154 -28.99 7.66 7.78
N ARG B 155 -30.04 7.96 7.02
CA ARG B 155 -30.15 9.24 6.31
C ARG B 155 -30.05 10.41 7.28
N VAL B 156 -30.85 10.36 8.35
CA VAL B 156 -30.85 11.42 9.35
C VAL B 156 -29.90 11.06 10.50
N LEU B 157 -28.79 11.80 10.57
CA LEU B 157 -27.86 11.74 11.69
C LEU B 157 -28.01 13.01 12.51
N PRO B 158 -28.31 12.91 13.82
CA PRO B 158 -28.23 14.12 14.64
C PRO B 158 -26.77 14.58 14.82
N LYS B 159 -26.43 15.70 14.18
CA LYS B 159 -25.05 16.20 14.11
C LYS B 159 -24.43 16.43 15.49
N GLU B 160 -25.23 17.00 16.40
CA GLU B 160 -24.81 17.30 17.78
C GLU B 160 -24.08 16.18 18.53
N SER B 161 -24.44 14.93 18.26
CA SER B 161 -23.89 13.77 18.97
C SER B 161 -22.79 12.99 18.22
N VAL B 162 -22.32 13.51 17.08
CA VAL B 162 -21.33 12.81 16.25
C VAL B 162 -19.92 13.36 16.46
N ALA B 163 -18.96 12.48 16.73
CA ALA B 163 -17.56 12.87 16.84
C ALA B 163 -16.89 12.69 15.47
N VAL B 164 -16.25 13.75 14.97
CA VAL B 164 -15.58 13.71 13.67
C VAL B 164 -14.11 13.34 13.86
N VAL B 165 -13.65 12.35 13.11
CA VAL B 165 -12.24 11.95 13.11
C VAL B 165 -11.42 13.04 12.44
N GLY B 166 -10.36 13.47 13.10
CA GLY B 166 -9.61 14.67 12.73
C GLY B 166 -10.10 15.90 13.48
N VAL B 167 -11.06 15.68 14.37
CA VAL B 167 -11.94 16.70 14.99
C VAL B 167 -12.06 18.02 14.23
N ALA B 176 -20.08 9.68 22.41
CA ALA B 176 -20.71 10.11 21.17
C ALA B 176 -21.49 8.99 20.53
N LEU B 177 -22.42 9.39 19.65
CA LEU B 177 -23.25 8.49 18.87
C LEU B 177 -22.42 7.59 17.97
N CYS B 178 -21.45 8.19 17.28
CA CYS B 178 -20.44 7.46 16.52
C CYS B 178 -19.28 8.39 16.25
N THR B 179 -18.20 7.83 15.71
CA THR B 179 -17.14 8.64 15.11
C THR B 179 -17.31 8.56 13.60
N LEU B 180 -17.00 9.66 12.92
CA LEU B 180 -17.31 9.79 11.50
C LEU B 180 -16.08 10.27 10.72
N THR B 181 -15.86 9.65 9.56
CA THR B 181 -14.75 10.01 8.67
C THR B 181 -15.20 10.01 7.20
N ASP B 182 -14.57 10.87 6.40
CA ASP B 182 -14.81 10.89 4.95
C ASP B 182 -13.51 10.83 4.15
N VAL B 183 -12.48 10.23 4.73
CA VAL B 183 -11.18 10.12 4.07
C VAL B 183 -11.40 9.31 2.79
N TYR B 184 -10.77 9.74 1.71
CA TYR B 184 -10.78 9.01 0.45
C TYR B 184 -10.16 7.62 0.74
N LEU B 185 -10.94 6.56 0.58
CA LEU B 185 -10.51 5.22 1.01
C LEU B 185 -9.15 4.76 0.42
N PRO B 186 -8.88 5.06 -0.87
CA PRO B 186 -7.56 4.72 -1.42
C PRO B 186 -6.36 5.32 -0.70
N ASP B 187 -6.52 6.46 -0.01
CA ASP B 187 -5.47 7.00 0.89
C ASP B 187 -5.24 6.16 2.15
N LEU B 188 -6.19 5.29 2.50
CA LEU B 188 -6.06 4.42 3.67
C LEU B 188 -5.84 2.95 3.31
N GLU B 189 -5.93 2.61 2.02
CA GLU B 189 -5.96 1.21 1.60
C GLU B 189 -4.70 0.43 2.04
N ALA B 190 -3.54 1.07 1.92
CA ALA B 190 -2.27 0.46 2.34
C ALA B 190 -2.27 0.05 3.81
N TYR B 191 -2.97 0.81 4.64
CA TYR B 191 -3.09 0.54 6.07
C TYR B 191 -4.05 -0.60 6.39
N LEU B 192 -5.09 -0.76 5.58
CA LEU B 192 -6.23 -1.60 5.95
C LEU B 192 -6.07 -3.10 5.71
N HIS B 193 -5.06 -3.51 4.95
CA HIS B 193 -4.72 -4.92 4.81
C HIS B 193 -3.50 -5.17 5.68
N PRO B 194 -3.65 -5.99 6.75
CA PRO B 194 -2.52 -6.22 7.67
C PRO B 194 -1.34 -6.97 7.03
N GLU B 195 -0.15 -6.39 7.14
CA GLU B 195 1.11 -7.07 6.76
C GLU B 195 1.22 -8.48 7.40
N THR B 196 1.14 -8.53 8.73
CA THR B 196 1.19 -9.79 9.47
C THR B 196 0.14 -9.88 10.58
N GLN B 197 0.02 -8.85 11.39
CA GLN B 197 -0.76 -8.88 12.63
C GLN B 197 -1.69 -7.67 12.77
N SER B 198 -2.54 -7.71 13.79
CA SER B 198 -3.32 -6.54 14.22
C SER B 198 -2.39 -5.38 14.58
N LYS B 199 -2.79 -4.15 14.27
CA LYS B 199 -1.89 -3.00 14.37
C LYS B 199 -2.66 -1.70 14.59
N CYS B 200 -2.09 -0.84 15.42
CA CYS B 200 -2.62 0.49 15.66
C CYS B 200 -1.63 1.49 15.07
N TRP B 201 -2.01 2.08 13.94
CA TRP B 201 -1.14 3.05 13.23
C TRP B 201 -1.27 4.45 13.82
N LYS B 202 -0.15 5.14 13.93
CA LYS B 202 -0.12 6.58 14.17
C LYS B 202 -0.08 7.23 12.80
N MET B 203 -0.99 8.16 12.54
CA MET B 203 -1.01 8.88 11.27
C MET B 203 -1.59 10.28 11.41
N MET B 204 -1.32 11.11 10.40
CA MET B 204 -1.78 12.49 10.36
C MET B 204 -3.00 12.62 9.46
N LEU B 205 -4.08 13.19 10.00
CA LEU B 205 -5.28 13.50 9.25
C LEU B 205 -5.66 14.95 9.54
N ASP B 206 -5.78 15.76 8.49
CA ASP B 206 -6.03 17.21 8.63
C ASP B 206 -5.02 17.90 9.57
N PHE B 207 -3.77 17.46 9.47
CA PHE B 207 -2.65 17.86 10.35
C PHE B 207 -2.82 17.49 11.84
N LYS B 208 -3.75 16.60 12.17
CA LYS B 208 -3.92 16.10 13.54
C LYS B 208 -3.53 14.64 13.61
N GLU B 209 -2.73 14.32 14.63
CA GLU B 209 -2.36 12.93 14.92
C GLU B 209 -3.58 12.12 15.35
N VAL B 210 -3.85 11.05 14.63
CA VAL B 210 -4.93 10.12 14.97
C VAL B 210 -4.40 8.69 15.00
N ARG B 211 -5.20 7.79 15.55
CA ARG B 211 -4.88 6.38 15.62
C ARG B 211 -5.83 5.62 14.74
N LEU B 212 -5.28 4.83 13.83
CA LEU B 212 -6.05 3.91 13.00
C LEU B 212 -5.79 2.48 13.46
N MET B 213 -6.83 1.83 13.99
CA MET B 213 -6.73 0.46 14.46
C MET B 213 -7.18 -0.49 13.36
N VAL B 214 -6.32 -1.45 13.02
CA VAL B 214 -6.62 -2.44 11.99
C VAL B 214 -6.37 -3.83 12.59
N TRP B 215 -7.43 -4.63 12.68
CA TRP B 215 -7.33 -5.99 13.21
C TRP B 215 -6.97 -6.95 12.09
N ARG B 216 -6.34 -8.06 12.46
CA ARG B 216 -5.95 -9.11 11.50
C ARG B 216 -7.11 -9.54 10.59
N ASP B 217 -8.33 -9.58 11.11
CA ASP B 217 -9.54 -9.87 10.29
C ASP B 217 -10.05 -8.70 9.41
N LYS B 218 -9.23 -7.65 9.25
CA LYS B 218 -9.56 -6.46 8.45
C LYS B 218 -10.76 -5.64 8.98
N THR B 219 -11.08 -5.81 10.27
CA THR B 219 -11.95 -4.87 10.95
C THR B 219 -11.09 -3.66 11.25
N ALA B 220 -11.56 -2.48 10.88
CA ALA B 220 -10.77 -1.26 11.05
C ALA B 220 -11.62 -0.07 11.46
N TYR B 221 -11.05 0.75 12.34
CA TYR B 221 -11.69 1.96 12.80
C TYR B 221 -10.66 2.90 13.41
N PHE B 222 -10.98 4.20 13.41
CA PHE B 222 -10.18 5.19 14.12
C PHE B 222 -10.54 5.10 15.59
N GLN B 223 -9.56 5.30 16.47
CA GLN B 223 -9.75 5.14 17.91
C GLN B 223 -10.39 6.38 18.51
#